data_1VHO
#
_entry.id   1VHO
#
_cell.length_a   120.453
_cell.length_b   120.453
_cell.length_c   57.627
_cell.angle_alpha   90.00
_cell.angle_beta   90.00
_cell.angle_gamma   90.00
#
_symmetry.space_group_name_H-M   'P 41 21 2'
#
loop_
_entity.id
_entity.type
_entity.pdbx_description
1 polymer endoglucanase
2 non-polymer 'CACODYLATE ION'
3 non-polymer 'SULFATE ION'
4 water water
#
_entity_poly.entity_id   1
_entity_poly.type   'polypeptide(L)'
_entity_poly.pdbx_seq_one_letter_code
;(MSE)SLK(MSE)ETGKLL(MSE)ELSNLDGPSGYETNVVSYIKSVIEPFVDEAKTTRHGSLIGYKKGKGIGKLAFFAHV
DEIGFVVSKVEGQFARLEPVGGVDPKVVYASKVRIYTKNGIERGVIG(MSE)LAPHLQDSESRKKVPTYDEIFVDLSLCE
RGVRVGDIAVIDQTAFETNGKVVGKALDNRASCGVLVKVLEFLKRYDHPWDVYVVFSVQEETGCLGALTGAYEINPDAAI
V(MSE)DVTFASEPPFSDHIELGKGPVIGLGPVVDRNLVQKIIEIAKKHNVSLQEEAVGGRSGTETDFVQLVRNGVRTSL
ISIPLKY(MSE)HTPVE(MSE)VDPRDVEELARLLSLVAVELEVEGGSHHHHHH
;
_entity_poly.pdbx_strand_id   A
#
loop_
_chem_comp.id
_chem_comp.type
_chem_comp.name
_chem_comp.formula
CAC non-polymer 'CACODYLATE ION' 'C2 H6 As O2 -1'
SO4 non-polymer 'SULFATE ION' 'O4 S -2'
#
# COMPACT_ATOMS: atom_id res chain seq x y z
N MSE A 5 17.67 -0.77 5.63
N MSE A 5 19.36 -0.45 5.53
CA MSE A 5 18.42 -0.49 4.39
CA MSE A 5 18.40 -0.48 4.43
C MSE A 5 18.06 0.92 3.92
O MSE A 5 17.49 1.71 4.64
CB MSE A 5 18.12 -1.53 3.31
CB MSE A 5 17.14 -1.24 4.82
CG MSE A 5 16.86 -1.37 2.49
CG MSE A 5 16.15 -0.52 5.72
SE MSE A 5 16.21 -3.02 1.73
SE MSE A 5 14.64 -1.51 6.34
CE MSE A 5 15.14 -3.66 3.18
CE MSE A 5 15.29 -2.26 7.94
N GLU A 6 18.50 1.29 2.73
CA GLU A 6 18.16 2.59 2.17
C GLU A 6 16.65 2.59 1.88
N THR A 7 16.04 3.74 2.04
CA THR A 7 14.60 3.87 1.83
C THR A 7 14.20 3.55 0.41
N GLY A 8 15.02 3.99 -0.54
CA GLY A 8 14.71 3.71 -1.96
C GLY A 8 14.73 2.23 -2.22
N LYS A 9 15.74 1.53 -1.71
CA LYS A 9 15.82 0.08 -1.90
C LYS A 9 14.68 -0.67 -1.22
N LEU A 10 14.28 -0.25 -0.01
CA LEU A 10 13.18 -0.88 0.71
C LEU A 10 11.88 -0.74 -0.12
N LEU A 11 11.66 0.46 -0.65
CA LEU A 11 10.49 0.71 -1.50
C LEU A 11 10.54 -0.15 -2.75
N MSE A 12 11.66 -0.27 -3.43
CA MSE A 12 11.70 -1.15 -4.63
C MSE A 12 11.42 -2.59 -4.28
O MSE A 12 10.61 -3.29 -4.96
CB MSE A 12 13.10 -0.99 -5.29
CG MSE A 12 13.19 0.34 -6.03
SE MSE A 12 14.82 0.35 -7.06
CE MSE A 12 16.06 0.51 -5.65
N GLU A 13 11.93 -3.07 -3.13
CA GLU A 13 11.70 -4.47 -2.76
C GLU A 13 10.21 -4.67 -2.41
N LEU A 14 9.59 -3.69 -1.76
CA LEU A 14 8.16 -3.84 -1.38
C LEU A 14 7.29 -3.81 -2.63
N SER A 15 7.66 -2.93 -3.57
CA SER A 15 6.92 -2.84 -4.83
C SER A 15 7.02 -4.13 -5.65
N ASN A 16 8.20 -4.74 -5.69
CA ASN A 16 8.39 -5.96 -6.50
C ASN A 16 7.68 -7.19 -5.96
N LEU A 17 7.53 -7.34 -4.64
CA LEU A 17 6.80 -8.47 -4.08
C LEU A 17 5.36 -8.53 -4.62
N ASP A 18 4.84 -9.77 -4.70
CA ASP A 18 3.47 -9.95 -5.17
C ASP A 18 2.52 -10.34 -4.04
N GLY A 19 1.54 -9.46 -3.80
CA GLY A 19 0.52 -9.77 -2.77
C GLY A 19 -0.84 -9.23 -3.21
N PRO A 20 -1.40 -9.78 -4.29
CA PRO A 20 -2.69 -9.35 -4.79
C PRO A 20 -3.76 -9.63 -3.72
N SER A 21 -4.81 -8.85 -3.73
CA SER A 21 -5.86 -8.99 -2.69
C SER A 21 -6.21 -10.45 -2.47
N GLY A 22 -6.23 -10.84 -1.21
CA GLY A 22 -6.56 -12.22 -0.84
C GLY A 22 -5.37 -13.13 -0.72
N TYR A 23 -4.22 -12.76 -1.30
CA TYR A 23 -3.01 -13.59 -1.32
C TYR A 23 -1.80 -12.75 -0.92
N GLU A 24 -1.92 -12.02 0.19
CA GLU A 24 -0.85 -11.12 0.63
C GLU A 24 0.18 -11.77 1.51
N THR A 25 0.23 -13.11 1.65
CA THR A 25 1.16 -13.75 2.55
C THR A 25 2.62 -13.46 2.37
N ASN A 26 3.10 -13.51 1.14
CA ASN A 26 4.51 -13.27 0.90
C ASN A 26 4.92 -11.84 1.26
N VAL A 27 4.08 -10.87 1.00
CA VAL A 27 4.41 -9.46 1.36
C VAL A 27 4.47 -9.33 2.87
N VAL A 28 3.51 -9.92 3.57
CA VAL A 28 3.50 -9.89 5.05
C VAL A 28 4.70 -10.62 5.60
N SER A 29 5.11 -11.75 4.98
CA SER A 29 6.29 -12.47 5.47
C SER A 29 7.52 -11.60 5.36
N TYR A 30 7.62 -10.84 4.24
CA TYR A 30 8.77 -9.93 4.10
C TYR A 30 8.74 -8.84 5.18
N ILE A 31 7.58 -8.19 5.35
CA ILE A 31 7.50 -7.09 6.34
C ILE A 31 7.78 -7.63 7.74
N LYS A 32 7.23 -8.81 8.06
CA LYS A 32 7.50 -9.41 9.37
C LYS A 32 8.99 -9.56 9.61
N SER A 33 9.74 -10.01 8.61
CA SER A 33 11.18 -10.15 8.77
C SER A 33 11.95 -8.86 8.89
N VAL A 34 11.54 -7.79 8.16
CA VAL A 34 12.33 -6.57 8.27
C VAL A 34 11.96 -5.84 9.58
N ILE A 35 10.77 -6.00 10.11
CA ILE A 35 10.44 -5.27 11.35
C ILE A 35 10.83 -6.00 12.61
N GLU A 36 11.12 -7.29 12.52
CA GLU A 36 11.52 -8.09 13.68
C GLU A 36 12.53 -7.49 14.62
N PRO A 37 13.62 -6.93 14.14
CA PRO A 37 14.63 -6.34 15.02
C PRO A 37 14.17 -5.07 15.73
N PHE A 38 13.01 -4.55 15.39
CA PHE A 38 12.53 -3.27 15.91
C PHE A 38 11.25 -3.34 16.68
N VAL A 39 10.69 -4.52 16.90
CA VAL A 39 9.46 -4.64 17.65
C VAL A 39 9.63 -5.59 18.86
N ASP A 40 8.77 -5.39 19.86
CA ASP A 40 8.80 -6.32 21.02
C ASP A 40 8.11 -7.61 20.55
N GLU A 41 7.08 -7.47 19.72
CA GLU A 41 6.39 -8.63 19.17
C GLU A 41 5.64 -8.28 17.90
N ALA A 42 5.27 -9.35 17.19
CA ALA A 42 4.50 -9.18 15.95
C ALA A 42 3.51 -10.31 15.82
N LYS A 43 2.24 -9.99 15.70
CA LYS A 43 1.22 -11.00 15.58
C LYS A 43 0.45 -10.89 14.27
N THR A 44 -0.03 -12.06 13.82
CA THR A 44 -0.79 -12.13 12.59
C THR A 44 -2.26 -12.35 12.90
N THR A 45 -3.16 -11.75 12.17
CA THR A 45 -4.58 -11.99 12.43
C THR A 45 -4.97 -13.29 11.71
N ARG A 46 -6.23 -13.67 11.84
CA ARG A 46 -6.69 -14.90 11.18
C ARG A 46 -6.80 -14.66 9.68
N HIS A 47 -6.96 -13.41 9.25
CA HIS A 47 -7.03 -13.08 7.82
C HIS A 47 -5.66 -12.85 7.22
N GLY A 48 -4.62 -12.74 8.03
CA GLY A 48 -3.26 -12.57 7.53
C GLY A 48 -2.66 -11.18 7.70
N SER A 49 -3.30 -10.31 8.47
CA SER A 49 -2.75 -8.96 8.71
C SER A 49 -1.64 -9.07 9.73
N LEU A 50 -0.70 -8.14 9.75
CA LEU A 50 0.40 -8.17 10.67
C LEU A 50 0.40 -6.93 11.56
N ILE A 51 0.51 -7.11 12.87
CA ILE A 51 0.56 -5.98 13.81
C ILE A 51 1.88 -6.00 14.55
N GLY A 52 2.71 -4.98 14.37
CA GLY A 52 4.02 -4.94 15.08
C GLY A 52 3.75 -4.21 16.41
N TYR A 53 4.28 -4.68 17.51
CA TYR A 53 4.04 -3.99 18.80
C TYR A 53 5.34 -3.53 19.43
N LYS A 54 5.42 -2.22 19.67
CA LYS A 54 6.65 -1.66 20.27
C LYS A 54 6.24 -0.93 21.56
N LYS A 55 6.64 -1.54 22.68
CA LYS A 55 6.29 -0.99 23.99
C LYS A 55 7.02 0.31 24.27
N GLY A 56 6.30 1.24 24.85
CA GLY A 56 6.89 2.54 25.22
C GLY A 56 6.84 2.60 26.77
N LYS A 57 6.46 3.73 27.34
CA LYS A 57 6.41 3.82 28.81
C LYS A 57 5.00 3.60 29.32
N GLY A 58 4.05 3.31 28.44
CA GLY A 58 2.69 3.04 28.80
C GLY A 58 1.77 4.22 28.99
N ILE A 59 2.09 5.42 28.47
CA ILE A 59 1.18 6.54 28.67
C ILE A 59 -0.08 6.43 27.84
N GLY A 60 -0.13 5.53 26.89
CA GLY A 60 -1.33 5.40 26.04
C GLY A 60 -0.90 4.53 24.84
N LYS A 61 -1.85 4.32 23.94
CA LYS A 61 -1.63 3.51 22.77
C LYS A 61 -1.92 4.29 21.48
N LEU A 62 -0.93 4.28 20.63
CA LEU A 62 -0.98 4.98 19.32
C LEU A 62 -0.95 3.87 18.27
N ALA A 63 -1.83 3.92 17.30
CA ALA A 63 -1.87 2.92 16.23
C ALA A 63 -1.66 3.59 14.88
N PHE A 64 -0.84 3.01 14.05
CA PHE A 64 -0.53 3.50 12.70
C PHE A 64 -1.02 2.40 11.74
N PHE A 65 -1.70 2.76 10.66
CA PHE A 65 -2.28 1.72 9.80
C PHE A 65 -1.90 1.89 8.33
N ALA A 66 -1.74 0.78 7.61
CA ALA A 66 -1.45 0.83 6.16
C ALA A 66 -2.02 -0.41 5.46
N HIS A 67 -2.49 -0.26 4.24
CA HIS A 67 -2.98 -1.43 3.48
C HIS A 67 -1.75 -2.12 2.86
N VAL A 68 -1.87 -3.38 2.44
CA VAL A 68 -0.71 -4.07 1.89
C VAL A 68 -0.92 -4.67 0.51
N ASP A 69 -2.18 -4.84 0.07
CA ASP A 69 -2.41 -5.50 -1.20
C ASP A 69 -2.15 -4.69 -2.43
N GLU A 70 -2.33 -5.36 -3.57
CA GLU A 70 -2.20 -4.75 -4.89
C GLU A 70 -3.26 -5.37 -5.81
N ILE A 71 -3.44 -4.78 -6.96
CA ILE A 71 -4.44 -5.33 -7.88
C ILE A 71 -3.94 -6.67 -8.43
N GLY A 72 -4.95 -7.48 -8.75
CA GLY A 72 -4.65 -8.79 -9.31
C GLY A 72 -5.86 -9.21 -10.19
N PHE A 73 -5.64 -10.25 -10.93
CA PHE A 73 -6.67 -10.83 -11.82
C PHE A 73 -6.67 -12.35 -11.64
N VAL A 74 -7.84 -12.95 -11.91
CA VAL A 74 -7.92 -14.40 -11.87
C VAL A 74 -8.34 -14.89 -13.26
N VAL A 75 -7.82 -16.01 -13.72
CA VAL A 75 -8.24 -16.53 -15.02
C VAL A 75 -9.68 -17.08 -14.77
N SER A 76 -10.65 -16.50 -15.44
CA SER A 76 -12.02 -16.97 -15.18
C SER A 76 -12.52 -17.92 -16.26
N LYS A 77 -11.87 -17.91 -17.41
CA LYS A 77 -12.33 -18.75 -18.51
C LYS A 77 -11.22 -19.01 -19.51
N VAL A 78 -11.14 -20.26 -19.94
CA VAL A 78 -10.14 -20.62 -20.95
C VAL A 78 -10.90 -21.13 -22.18
N GLU A 79 -11.10 -20.28 -23.19
CA GLU A 79 -11.80 -20.72 -24.39
C GLU A 79 -10.95 -20.57 -25.64
N GLY A 80 -10.76 -21.70 -26.31
CA GLY A 80 -9.93 -21.68 -27.54
C GLY A 80 -8.52 -21.23 -27.10
N GLN A 81 -7.89 -20.34 -27.87
CA GLN A 81 -6.56 -19.89 -27.45
C GLN A 81 -6.62 -18.68 -26.54
N PHE A 82 -7.79 -18.22 -26.10
CA PHE A 82 -7.84 -17.04 -25.27
C PHE A 82 -8.30 -17.25 -23.84
N ALA A 83 -7.47 -16.82 -22.88
CA ALA A 83 -7.85 -16.93 -21.45
C ALA A 83 -8.39 -15.56 -21.04
N ARG A 84 -9.54 -15.55 -20.38
CA ARG A 84 -10.12 -14.30 -19.93
C ARG A 84 -9.71 -14.01 -18.47
N LEU A 85 -9.39 -12.76 -18.15
CA LEU A 85 -8.98 -12.42 -16.79
C LEU A 85 -10.01 -11.47 -16.15
N GLU A 86 -10.35 -11.70 -14.90
CA GLU A 86 -11.26 -10.86 -14.16
C GLU A 86 -10.54 -10.26 -12.94
N PRO A 87 -10.74 -8.99 -12.63
CA PRO A 87 -10.12 -8.41 -11.47
C PRO A 87 -10.49 -9.14 -10.20
N VAL A 88 -9.56 -9.20 -9.23
CA VAL A 88 -9.87 -9.83 -7.96
C VAL A 88 -10.32 -8.76 -6.94
N TYR A 97 -3.86 0.99 -17.52
CA TYR A 97 -4.03 0.23 -16.29
C TYR A 97 -2.97 -0.87 -16.23
N ALA A 98 -3.18 -1.97 -16.92
CA ALA A 98 -2.27 -3.09 -16.93
C ALA A 98 -1.91 -3.52 -18.34
N SER A 99 -0.64 -3.80 -18.59
CA SER A 99 -0.30 -4.30 -19.94
C SER A 99 0.45 -5.61 -19.71
N LYS A 100 1.69 -5.53 -19.22
CA LYS A 100 2.44 -6.76 -18.92
C LYS A 100 1.91 -7.34 -17.59
N VAL A 101 1.69 -8.66 -17.59
CA VAL A 101 1.24 -9.38 -16.46
C VAL A 101 2.06 -10.66 -16.26
N ARG A 102 2.14 -11.08 -15.01
CA ARG A 102 2.82 -12.34 -14.69
C ARG A 102 1.78 -13.20 -13.98
N ILE A 103 1.67 -14.46 -14.43
CA ILE A 103 0.61 -15.32 -13.89
C ILE A 103 1.15 -16.54 -13.17
N TYR A 104 0.67 -16.75 -11.95
CA TYR A 104 1.11 -17.90 -11.18
C TYR A 104 0.40 -19.14 -11.66
N THR A 105 1.14 -20.13 -12.12
CA THR A 105 0.53 -21.39 -12.57
C THR A 105 1.16 -22.53 -11.78
N LYS A 106 0.62 -23.74 -12.03
CA LYS A 106 1.19 -24.93 -11.39
C LYS A 106 2.62 -25.16 -11.81
N ASN A 107 3.07 -24.65 -12.95
CA ASN A 107 4.40 -24.85 -13.44
C ASN A 107 5.37 -23.72 -13.14
N GLY A 108 4.91 -22.64 -12.54
CA GLY A 108 5.85 -21.52 -12.24
C GLY A 108 5.11 -20.24 -12.67
N ILE A 109 5.82 -19.22 -13.03
CA ILE A 109 5.21 -17.95 -13.44
C ILE A 109 5.22 -17.83 -14.94
N GLU A 110 4.10 -17.51 -15.57
CA GLU A 110 4.06 -17.30 -17.02
C GLU A 110 3.90 -15.79 -17.22
N ARG A 111 4.55 -15.21 -18.19
CA ARG A 111 4.48 -13.78 -18.47
C ARG A 111 3.79 -13.46 -19.78
N GLY A 112 2.96 -12.45 -19.80
CA GLY A 112 2.29 -12.14 -21.07
C GLY A 112 1.84 -10.71 -21.04
N VAL A 113 1.16 -10.32 -22.13
CA VAL A 113 0.69 -8.97 -22.28
C VAL A 113 -0.81 -8.97 -22.54
N ILE A 114 -1.53 -8.24 -21.69
CA ILE A 114 -2.98 -8.16 -21.82
C ILE A 114 -3.38 -7.61 -23.19
N GLY A 115 -4.27 -8.34 -23.87
CA GLY A 115 -4.80 -7.98 -25.14
C GLY A 115 -3.92 -8.20 -26.34
N MSE A 116 -2.69 -8.74 -26.18
CA MSE A 116 -1.82 -8.96 -27.28
C MSE A 116 -2.15 -10.26 -28.01
O MSE A 116 -2.14 -11.30 -27.39
CB MSE A 116 -0.34 -9.03 -26.82
CG MSE A 116 0.59 -9.11 -28.08
SE MSE A 116 2.43 -9.05 -27.36
CE MSE A 116 2.66 -10.81 -26.89
N LEU A 117 -2.27 -10.22 -29.32
CA LEU A 117 -2.51 -11.44 -30.07
C LEU A 117 -1.19 -11.97 -30.63
N ALA A 118 -1.06 -13.28 -30.71
CA ALA A 118 0.11 -13.88 -31.35
C ALA A 118 0.03 -13.52 -32.85
N PRO A 119 1.14 -13.33 -33.53
CA PRO A 119 1.11 -13.01 -34.95
C PRO A 119 0.15 -13.91 -35.71
N HIS A 120 -0.81 -13.32 -36.42
CA HIS A 120 -1.76 -14.09 -37.20
C HIS A 120 -2.45 -13.16 -38.22
N LEU A 121 -2.53 -13.56 -39.48
CA LEU A 121 -3.21 -12.76 -40.50
C LEU A 121 -4.72 -13.08 -40.35
N GLN A 122 -5.47 -12.14 -39.79
CA GLN A 122 -6.89 -12.39 -39.55
C GLN A 122 -7.71 -12.40 -40.85
N ASP A 123 -8.74 -13.23 -40.81
CA ASP A 123 -9.69 -13.31 -41.94
C ASP A 123 -11.08 -13.14 -41.32
N SER A 124 -12.15 -13.14 -42.14
CA SER A 124 -13.47 -12.95 -41.48
C SER A 124 -13.79 -14.00 -40.47
N GLU A 125 -13.41 -15.25 -40.57
CA GLU A 125 -13.73 -16.27 -39.56
C GLU A 125 -12.87 -16.20 -38.32
N SER A 126 -11.53 -16.09 -38.50
CA SER A 126 -10.68 -15.99 -37.32
C SER A 126 -11.01 -14.75 -36.52
N ARG A 127 -11.38 -13.66 -37.16
CA ARG A 127 -11.72 -12.40 -36.52
C ARG A 127 -12.87 -12.54 -35.53
N LYS A 128 -13.82 -13.45 -35.78
CA LYS A 128 -14.95 -13.68 -34.91
C LYS A 128 -14.60 -14.31 -33.57
N LYS A 129 -13.49 -15.03 -33.48
CA LYS A 129 -13.07 -15.66 -32.25
C LYS A 129 -12.25 -14.75 -31.33
N VAL A 130 -11.86 -13.59 -31.80
CA VAL A 130 -11.05 -12.66 -31.00
C VAL A 130 -11.94 -12.00 -29.96
N PRO A 131 -11.54 -12.02 -28.69
CA PRO A 131 -12.31 -11.45 -27.62
C PRO A 131 -12.81 -10.05 -27.90
N THR A 132 -14.01 -9.74 -27.41
CA THR A 132 -14.61 -8.42 -27.62
C THR A 132 -13.86 -7.33 -26.89
N TYR A 133 -13.74 -6.16 -27.46
CA TYR A 133 -13.05 -5.00 -26.99
C TYR A 133 -12.93 -4.82 -25.48
N ASP A 134 -14.01 -4.98 -24.73
CA ASP A 134 -13.96 -4.79 -23.30
C ASP A 134 -13.28 -5.88 -22.49
N GLU A 135 -13.27 -7.14 -22.95
CA GLU A 135 -12.65 -8.21 -22.20
C GLU A 135 -11.13 -8.08 -22.02
N ILE A 136 -10.72 -8.55 -20.86
CA ILE A 136 -9.29 -8.59 -20.49
C ILE A 136 -8.83 -10.01 -20.83
N PHE A 137 -7.89 -10.16 -21.75
CA PHE A 137 -7.47 -11.51 -22.08
C PHE A 137 -5.99 -11.62 -22.39
N VAL A 138 -5.53 -12.87 -22.43
CA VAL A 138 -4.15 -13.15 -22.85
C VAL A 138 -4.26 -14.27 -23.88
N ASP A 139 -3.41 -14.26 -24.88
CA ASP A 139 -3.39 -15.26 -25.95
C ASP A 139 -2.52 -16.43 -25.48
N LEU A 140 -3.14 -17.54 -25.14
CA LEU A 140 -2.52 -18.75 -24.63
C LEU A 140 -1.51 -19.41 -25.53
N SER A 141 -1.56 -19.14 -26.85
CA SER A 141 -0.60 -19.74 -27.75
C SER A 141 0.78 -19.14 -27.51
N LEU A 142 0.89 -18.02 -26.80
CA LEU A 142 2.12 -17.37 -26.46
C LEU A 142 2.72 -17.89 -25.15
N CYS A 143 2.03 -18.72 -24.38
CA CYS A 143 2.63 -19.19 -23.13
C CYS A 143 3.48 -20.44 -23.32
N GLU A 144 4.34 -20.62 -22.32
CA GLU A 144 5.23 -21.78 -22.34
C GLU A 144 4.44 -23.06 -22.18
N ARG A 145 3.65 -23.12 -21.13
CA ARG A 145 2.82 -24.25 -20.80
C ARG A 145 1.42 -23.73 -20.44
N GLY A 146 0.58 -24.59 -19.87
CA GLY A 146 -0.75 -24.16 -19.52
C GLY A 146 -0.84 -22.97 -18.57
N VAL A 147 -2.07 -22.55 -18.44
CA VAL A 147 -2.63 -21.52 -17.60
C VAL A 147 -4.01 -22.15 -17.29
N ARG A 148 -4.52 -22.08 -16.09
CA ARG A 148 -5.81 -22.70 -15.80
C ARG A 148 -6.75 -21.73 -15.11
N VAL A 149 -8.04 -22.10 -15.16
CA VAL A 149 -9.05 -21.31 -14.48
C VAL A 149 -8.61 -21.25 -13.02
N GLY A 150 -8.62 -20.07 -12.38
CA GLY A 150 -8.17 -20.03 -10.98
C GLY A 150 -6.75 -19.50 -10.83
N ASP A 151 -5.98 -19.43 -11.92
CA ASP A 151 -4.60 -18.92 -11.81
C ASP A 151 -4.69 -17.41 -11.56
N ILE A 152 -3.73 -16.89 -10.78
CA ILE A 152 -3.78 -15.46 -10.42
C ILE A 152 -2.66 -14.69 -11.12
N ALA A 153 -3.00 -13.51 -11.62
CA ALA A 153 -2.01 -12.68 -12.31
C ALA A 153 -1.86 -11.34 -11.59
N VAL A 154 -0.65 -10.78 -11.64
CA VAL A 154 -0.45 -9.45 -11.08
C VAL A 154 0.30 -8.65 -12.18
N ILE A 155 0.47 -7.37 -11.98
CA ILE A 155 1.23 -6.56 -12.95
C ILE A 155 2.69 -6.97 -12.92
N ASP A 156 3.29 -7.13 -14.11
CA ASP A 156 4.68 -7.56 -14.19
C ASP A 156 5.55 -6.29 -14.37
N GLN A 157 6.03 -5.75 -13.27
CA GLN A 157 6.84 -4.53 -13.30
C GLN A 157 8.00 -4.64 -12.31
N THR A 158 9.17 -4.27 -12.80
CA THR A 158 10.37 -4.30 -11.93
C THR A 158 10.61 -2.84 -11.49
N ALA A 159 10.65 -2.58 -10.20
CA ALA A 159 10.82 -1.21 -9.75
C ALA A 159 12.18 -0.62 -10.13
N PHE A 160 12.24 0.70 -10.28
CA PHE A 160 13.51 1.34 -10.62
C PHE A 160 13.60 2.71 -9.95
N GLU A 161 14.82 3.23 -9.94
CA GLU A 161 15.06 4.56 -9.40
C GLU A 161 15.42 5.46 -10.58
N THR A 162 14.90 6.66 -10.54
CA THR A 162 15.20 7.65 -11.56
C THR A 162 15.21 9.03 -10.88
N ASN A 163 16.32 9.77 -10.97
CA ASN A 163 16.40 11.12 -10.40
C ASN A 163 15.91 11.27 -8.97
N GLY A 164 16.31 10.41 -8.08
CA GLY A 164 15.92 10.43 -6.68
C GLY A 164 14.50 9.86 -6.44
N LYS A 165 13.78 9.42 -7.45
CA LYS A 165 12.42 8.89 -7.26
C LYS A 165 12.44 7.36 -7.41
N VAL A 166 11.42 6.70 -6.91
CA VAL A 166 11.26 5.25 -7.05
C VAL A 166 9.99 5.07 -7.91
N VAL A 167 10.08 4.22 -8.92
CA VAL A 167 8.93 3.98 -9.83
C VAL A 167 8.65 2.47 -9.80
N GLY A 168 7.38 2.10 -9.62
CA GLY A 168 7.08 0.65 -9.58
C GLY A 168 5.60 0.45 -9.26
N LYS A 169 5.19 -0.82 -9.41
CA LYS A 169 3.79 -1.13 -9.19
C LYS A 169 3.45 -1.07 -7.70
N ALA A 170 2.15 -0.98 -7.43
CA ALA A 170 1.65 -1.06 -6.05
C ALA A 170 2.22 -0.13 -5.02
N LEU A 171 2.83 0.98 -5.42
CA LEU A 171 3.29 1.93 -4.39
C LEU A 171 2.17 2.62 -3.68
N ASP A 172 0.94 2.67 -4.25
CA ASP A 172 -0.18 3.28 -3.58
C ASP A 172 -0.43 2.64 -2.21
N ASN A 173 0.00 1.38 -1.99
CA ASN A 173 -0.07 0.81 -0.66
C ASN A 173 1.34 0.53 -0.12
N ARG A 174 2.25 0.09 -1.00
CA ARG A 174 3.60 -0.29 -0.55
C ARG A 174 4.44 0.87 -0.04
N ALA A 175 4.22 2.09 -0.54
CA ALA A 175 5.00 3.22 0.01
C ALA A 175 4.62 3.43 1.45
N SER A 176 3.34 3.25 1.80
CA SER A 176 2.88 3.39 3.18
C SER A 176 3.44 2.28 4.09
N CYS A 177 3.53 1.06 3.56
CA CYS A 177 4.15 -0.04 4.27
C CYS A 177 5.61 0.39 4.57
N GLY A 178 6.29 0.96 3.63
CA GLY A 178 7.68 1.42 3.76
C GLY A 178 7.76 2.49 4.90
N VAL A 179 6.81 3.42 4.92
CA VAL A 179 6.81 4.45 5.99
C VAL A 179 6.74 3.77 7.36
N LEU A 180 5.82 2.78 7.50
CA LEU A 180 5.66 2.14 8.81
C LEU A 180 6.86 1.30 9.20
N VAL A 181 7.50 0.69 8.21
CA VAL A 181 8.75 -0.08 8.55
C VAL A 181 9.80 0.90 9.06
N LYS A 182 9.94 2.03 8.38
CA LYS A 182 10.94 3.06 8.79
C LYS A 182 10.58 3.66 10.16
N VAL A 183 9.31 3.85 10.45
CA VAL A 183 8.96 4.37 11.80
C VAL A 183 9.55 3.45 12.89
N LEU A 184 9.34 2.13 12.73
CA LEU A 184 9.86 1.18 13.74
C LEU A 184 11.36 1.27 13.83
N GLU A 185 12.05 1.41 12.70
CA GLU A 185 13.49 1.56 12.72
C GLU A 185 13.89 2.81 13.49
N PHE A 186 13.24 3.95 13.21
CA PHE A 186 13.55 5.19 13.92
C PHE A 186 13.22 5.18 15.40
N LEU A 187 12.18 4.52 15.85
CA LEU A 187 11.77 4.46 17.23
C LEU A 187 12.82 3.81 18.14
N LYS A 188 13.69 3.00 17.56
CA LYS A 188 14.78 2.39 18.33
C LYS A 188 15.69 3.39 19.00
N ARG A 189 15.77 4.62 18.54
CA ARG A 189 16.64 5.64 19.10
C ARG A 189 16.06 6.34 20.32
N TYR A 190 14.76 6.15 20.58
CA TYR A 190 14.13 6.87 21.65
C TYR A 190 13.45 6.01 22.72
N ASP A 191 13.37 6.67 23.88
CA ASP A 191 12.67 6.10 25.03
C ASP A 191 11.27 6.75 24.98
N HIS A 192 10.55 6.47 23.90
CA HIS A 192 9.23 7.00 23.64
C HIS A 192 8.19 6.58 24.63
N PRO A 193 7.38 7.54 25.12
CA PRO A 193 6.35 7.29 26.10
C PRO A 193 5.16 6.50 25.61
N TRP A 194 4.79 6.65 24.34
CA TRP A 194 3.62 5.92 23.83
C TRP A 194 3.93 4.48 23.45
N ASP A 195 2.95 3.61 23.65
CA ASP A 195 3.08 2.21 23.20
C ASP A 195 2.63 2.31 21.72
N VAL A 196 3.36 1.70 20.81
CA VAL A 196 3.02 1.85 19.39
C VAL A 196 2.58 0.55 18.75
N TYR A 197 1.49 0.61 18.00
CA TYR A 197 0.98 -0.54 17.29
C TYR A 197 0.98 -0.19 15.80
N VAL A 198 1.71 -0.99 15.02
CA VAL A 198 1.84 -0.70 13.57
C VAL A 198 1.09 -1.78 12.83
N VAL A 199 0.07 -1.40 12.06
CA VAL A 199 -0.79 -2.39 11.43
C VAL A 199 -0.74 -2.42 9.91
N PHE A 200 -0.40 -3.58 9.39
CA PHE A 200 -0.32 -3.86 7.96
C PHE A 200 -1.52 -4.75 7.62
N SER A 201 -2.58 -4.15 7.13
CA SER A 201 -3.84 -4.79 6.83
C SER A 201 -4.00 -5.41 5.46
N VAL A 202 -4.53 -6.65 5.48
CA VAL A 202 -4.79 -7.32 4.20
C VAL A 202 -6.20 -7.01 3.76
N GLN A 203 -6.54 -7.37 2.51
CA GLN A 203 -7.83 -7.05 1.96
C GLN A 203 -9.05 -7.62 2.69
N GLU A 204 -8.95 -8.83 3.20
CA GLU A 204 -10.11 -9.45 3.83
C GLU A 204 -10.48 -8.98 5.22
N GLU A 205 -9.94 -7.89 5.74
CA GLU A 205 -10.30 -7.40 7.06
C GLU A 205 -11.55 -6.54 6.95
N THR A 206 -12.25 -6.35 8.08
CA THR A 206 -13.46 -5.54 8.05
C THR A 206 -13.13 -4.06 8.01
N GLY A 207 -12.00 -3.66 8.60
CA GLY A 207 -11.63 -2.23 8.61
C GLY A 207 -10.32 -2.11 9.40
N CYS A 208 -9.82 -0.89 9.58
CA CYS A 208 -8.55 -0.71 10.30
C CYS A 208 -8.66 -1.19 11.74
N LEU A 209 -9.73 -0.88 12.45
CA LEU A 209 -9.88 -1.34 13.84
C LEU A 209 -10.01 -2.86 13.88
N GLY A 210 -10.80 -3.43 12.97
CA GLY A 210 -10.93 -4.88 12.94
C GLY A 210 -9.60 -5.56 12.68
N ALA A 211 -8.73 -4.95 11.83
CA ALA A 211 -7.44 -5.62 11.62
C ALA A 211 -6.67 -5.62 12.93
N LEU A 212 -6.56 -4.45 13.54
CA LEU A 212 -5.82 -4.34 14.80
C LEU A 212 -6.33 -5.28 15.87
N THR A 213 -7.65 -5.37 16.05
CA THR A 213 -8.21 -6.22 17.11
C THR A 213 -8.18 -7.69 16.80
N GLY A 214 -7.77 -8.05 15.58
CA GLY A 214 -7.62 -9.47 15.24
C GLY A 214 -6.35 -10.00 15.89
N ALA A 215 -5.52 -9.09 16.40
CA ALA A 215 -4.28 -9.37 17.06
C ALA A 215 -4.23 -8.89 18.51
N TYR A 216 -4.63 -7.64 18.78
CA TYR A 216 -4.58 -7.08 20.13
C TYR A 216 -5.88 -6.42 20.49
N GLU A 217 -6.55 -6.93 21.54
CA GLU A 217 -7.84 -6.38 21.95
C GLU A 217 -7.61 -5.09 22.76
N ILE A 218 -7.37 -4.00 22.06
CA ILE A 218 -7.12 -2.71 22.67
C ILE A 218 -7.92 -1.63 21.94
N ASN A 219 -8.02 -0.47 22.54
CA ASN A 219 -8.68 0.68 21.93
C ASN A 219 -7.61 1.78 21.94
N PRO A 220 -7.02 2.06 20.78
CA PRO A 220 -5.99 3.07 20.75
C PRO A 220 -6.53 4.44 21.16
N ASP A 221 -5.69 5.23 21.77
CA ASP A 221 -6.02 6.60 22.15
C ASP A 221 -5.92 7.53 20.96
N ALA A 222 -5.11 7.15 19.94
CA ALA A 222 -4.98 8.00 18.75
C ALA A 222 -4.55 7.11 17.56
N ALA A 223 -5.09 7.42 16.38
CA ALA A 223 -4.72 6.57 15.23
C ALA A 223 -4.31 7.44 14.05
N ILE A 224 -3.29 6.99 13.34
CA ILE A 224 -2.87 7.74 12.13
C ILE A 224 -2.98 6.74 10.97
N VAL A 225 -3.83 7.04 10.00
CA VAL A 225 -4.06 6.16 8.86
C VAL A 225 -3.22 6.68 7.70
N MSE A 226 -2.53 5.76 7.02
CA MSE A 226 -1.68 6.16 5.90
C MSE A 226 -2.47 6.05 4.60
O MSE A 226 -3.18 5.06 4.41
CB MSE A 226 -0.52 5.16 5.77
CG MSE A 226 0.42 5.02 6.94
SE MSE A 226 1.49 6.58 7.09
CE MSE A 226 0.43 7.61 8.31
N ASP A 227 -2.14 6.92 3.66
CA ASP A 227 -2.76 6.82 2.34
C ASP A 227 -1.79 7.48 1.36
N VAL A 228 -2.19 7.58 0.11
CA VAL A 228 -1.37 8.26 -0.89
C VAL A 228 -2.29 9.28 -1.59
N THR A 229 -1.68 10.29 -2.18
CA THR A 229 -2.52 11.28 -2.91
C THR A 229 -1.70 11.98 -3.96
N PHE A 230 -2.35 12.78 -4.81
CA PHE A 230 -1.56 13.65 -5.72
C PHE A 230 -2.51 14.73 -6.23
N ALA A 231 -3.50 14.29 -6.99
CA ALA A 231 -4.47 15.24 -7.56
C ALA A 231 -5.50 15.70 -6.55
N SER A 232 -5.98 16.95 -6.76
CA SER A 232 -7.00 17.44 -5.83
C SER A 232 -8.33 17.24 -6.54
N GLU A 233 -9.43 17.09 -5.81
CA GLU A 233 -10.68 16.92 -6.61
C GLU A 233 -11.33 18.29 -6.67
N PRO A 234 -12.07 18.56 -7.70
CA PRO A 234 -12.78 19.86 -7.78
C PRO A 234 -13.48 20.04 -6.44
N PRO A 235 -13.63 21.26 -5.97
CA PRO A 235 -13.20 22.44 -6.68
C PRO A 235 -11.81 22.96 -6.39
N PHE A 236 -10.94 22.18 -5.72
CA PHE A 236 -9.59 22.65 -5.39
C PHE A 236 -8.54 22.60 -6.47
N SER A 237 -7.60 23.55 -6.43
CA SER A 237 -6.51 23.63 -7.41
C SER A 237 -5.41 22.62 -7.08
N ASP A 238 -4.89 21.87 -8.02
CA ASP A 238 -3.83 20.89 -7.82
C ASP A 238 -2.57 21.62 -7.34
N HIS A 239 -1.94 21.17 -6.25
CA HIS A 239 -0.75 21.83 -5.76
C HIS A 239 0.23 20.85 -5.11
N ILE A 240 -0.13 19.59 -4.97
CA ILE A 240 0.80 18.64 -4.35
C ILE A 240 1.96 18.31 -5.25
N GLU A 241 3.17 18.23 -4.68
CA GLU A 241 4.36 17.89 -5.43
C GLU A 241 5.17 16.79 -4.70
N LEU A 242 5.79 15.91 -5.49
CA LEU A 242 6.66 14.90 -4.87
C LEU A 242 7.84 15.66 -4.24
N GLY A 243 8.31 15.24 -3.07
CA GLY A 243 9.44 15.91 -2.46
C GLY A 243 9.10 17.09 -1.57
N LYS A 244 7.86 17.58 -1.52
CA LYS A 244 7.55 18.69 -0.63
C LYS A 244 6.97 18.20 0.69
N GLY A 245 7.03 16.89 0.96
CA GLY A 245 6.58 16.36 2.24
C GLY A 245 5.25 15.62 2.26
N PRO A 246 4.98 14.93 3.37
CA PRO A 246 3.76 14.21 3.59
C PRO A 246 2.59 15.21 3.64
N VAL A 247 1.46 14.69 3.24
CA VAL A 247 0.25 15.51 3.08
C VAL A 247 -0.77 15.27 4.17
N ILE A 248 -0.98 16.34 4.97
CA ILE A 248 -1.93 16.24 6.07
C ILE A 248 -3.35 16.35 5.55
N GLY A 249 -4.19 15.38 5.81
CA GLY A 249 -5.61 15.40 5.45
C GLY A 249 -6.34 16.32 6.44
N LEU A 250 -7.22 17.18 5.89
CA LEU A 250 -7.95 18.09 6.80
C LEU A 250 -9.45 17.93 6.64
N GLY A 251 -9.89 16.74 6.24
CA GLY A 251 -11.31 16.47 6.02
C GLY A 251 -12.14 16.50 7.30
N PRO A 252 -13.46 16.35 7.13
CA PRO A 252 -14.37 16.34 8.26
C PRO A 252 -14.20 15.16 9.20
N VAL A 253 -13.66 14.03 8.77
CA VAL A 253 -13.51 12.88 9.71
C VAL A 253 -12.32 13.01 10.62
N VAL A 254 -11.29 13.80 10.23
CA VAL A 254 -10.15 13.90 11.12
C VAL A 254 -10.40 14.69 12.39
N ASP A 255 -9.64 14.31 13.42
CA ASP A 255 -9.74 15.08 14.68
C ASP A 255 -8.79 16.26 14.48
N ARG A 256 -9.34 17.47 14.20
CA ARG A 256 -8.47 18.61 13.91
C ARG A 256 -7.53 19.00 15.03
N ASN A 257 -7.87 18.74 16.29
CA ASN A 257 -6.98 19.08 17.40
C ASN A 257 -5.79 18.12 17.42
N LEU A 258 -6.03 16.84 17.20
CA LEU A 258 -4.90 15.87 17.12
C LEU A 258 -4.01 16.27 15.96
N VAL A 259 -4.68 16.66 14.85
CA VAL A 259 -3.92 17.09 13.67
C VAL A 259 -3.06 18.30 14.02
N GLN A 260 -3.60 19.32 14.70
CA GLN A 260 -2.73 20.48 15.06
C GLN A 260 -1.57 20.05 15.92
N LYS A 261 -1.72 19.16 16.89
CA LYS A 261 -0.58 18.68 17.67
C LYS A 261 0.49 18.04 16.78
N ILE A 262 0.07 17.27 15.75
CA ILE A 262 1.05 16.66 14.83
C ILE A 262 1.78 17.73 14.07
N ILE A 263 1.01 18.75 13.60
CA ILE A 263 1.62 19.88 12.88
C ILE A 263 2.62 20.61 13.74
N GLU A 264 2.33 20.80 15.03
CA GLU A 264 3.29 21.50 15.90
C GLU A 264 4.58 20.69 16.06
N ILE A 265 4.45 19.36 16.09
CA ILE A 265 5.69 18.54 16.21
C ILE A 265 6.48 18.68 14.94
N ALA A 266 5.77 18.65 13.77
CA ALA A 266 6.52 18.80 12.52
C ALA A 266 7.26 20.13 12.48
N LYS A 267 6.54 21.17 12.95
CA LYS A 267 7.16 22.51 12.94
C LYS A 267 8.42 22.56 13.81
N LYS A 268 8.33 22.00 15.00
CA LYS A 268 9.50 22.00 15.92
C LYS A 268 10.66 21.22 15.35
N HIS A 269 10.37 20.10 14.65
CA HIS A 269 11.41 19.29 14.06
C HIS A 269 11.70 19.53 12.61
N ASN A 270 11.28 20.65 12.01
CA ASN A 270 11.56 21.02 10.65
C ASN A 270 11.13 19.97 9.62
N VAL A 271 9.95 19.39 9.86
CA VAL A 271 9.42 18.41 8.91
C VAL A 271 8.50 19.22 7.95
N SER A 272 8.88 19.31 6.68
CA SER A 272 8.10 20.04 5.70
C SER A 272 6.81 19.28 5.43
N LEU A 273 5.69 19.94 5.35
CA LEU A 273 4.42 19.24 5.14
C LEU A 273 3.61 19.91 4.04
N GLN A 274 2.65 19.15 3.52
CA GLN A 274 1.73 19.73 2.51
C GLN A 274 0.35 19.45 3.09
N GLU A 275 -0.74 19.94 2.48
CA GLU A 275 -2.03 19.63 3.06
C GLU A 275 -3.08 19.49 1.96
N GLU A 276 -4.19 18.89 2.31
CA GLU A 276 -5.28 18.74 1.32
C GLU A 276 -6.60 18.85 2.09
N ALA A 277 -7.62 19.43 1.48
CA ALA A 277 -8.90 19.65 2.15
C ALA A 277 -9.57 18.38 2.60
N VAL A 278 -9.54 17.31 1.81
CA VAL A 278 -10.19 16.08 2.27
C VAL A 278 -9.15 14.95 2.26
N GLY A 279 -8.94 14.32 1.13
CA GLY A 279 -7.99 13.23 1.01
C GLY A 279 -8.65 11.88 1.24
N GLY A 280 -7.90 10.82 1.05
CA GLY A 280 -8.40 9.45 1.26
C GLY A 280 -8.88 8.90 -0.08
N ARG A 281 -8.36 7.74 -0.44
CA ARG A 281 -8.70 7.09 -1.69
C ARG A 281 -10.11 6.49 -1.55
N THR A 286 -15.15 3.15 4.07
CA THR A 286 -13.86 3.79 4.28
C THR A 286 -13.14 3.10 5.42
N ASP A 287 -11.85 3.37 5.57
CA ASP A 287 -11.04 2.78 6.62
C ASP A 287 -11.33 3.41 7.98
N PHE A 288 -11.97 4.57 8.00
CA PHE A 288 -12.27 5.29 9.22
C PHE A 288 -13.60 4.92 9.87
N VAL A 289 -14.45 4.14 9.22
CA VAL A 289 -15.73 3.75 9.78
C VAL A 289 -15.66 3.24 11.19
N GLN A 290 -14.95 2.16 11.48
CA GLN A 290 -14.88 1.62 12.84
C GLN A 290 -14.23 2.57 13.83
N LEU A 291 -13.14 3.23 13.44
CA LEU A 291 -12.42 4.15 14.29
C LEU A 291 -13.29 5.28 14.84
N VAL A 292 -14.03 5.91 13.95
CA VAL A 292 -14.93 7.01 14.31
C VAL A 292 -16.02 6.50 15.24
N ARG A 293 -16.67 5.38 14.88
CA ARG A 293 -17.72 4.80 15.71
C ARG A 293 -17.24 4.48 17.11
N ASN A 294 -15.97 4.13 17.27
CA ASN A 294 -15.39 3.82 18.55
C ASN A 294 -14.73 4.99 19.25
N GLY A 295 -14.90 6.21 18.74
CA GLY A 295 -14.30 7.39 19.34
C GLY A 295 -12.80 7.51 19.24
N VAL A 296 -12.13 6.81 18.30
CA VAL A 296 -10.68 6.96 18.22
C VAL A 296 -10.30 8.27 17.53
N ARG A 297 -9.54 9.14 18.18
CA ARG A 297 -9.15 10.40 17.51
C ARG A 297 -8.24 9.99 16.32
N THR A 298 -8.61 10.40 15.13
CA THR A 298 -7.86 9.98 13.96
C THR A 298 -7.34 11.07 13.04
N SER A 299 -6.17 10.78 12.46
CA SER A 299 -5.52 11.66 11.52
C SER A 299 -5.25 10.88 10.22
N LEU A 300 -5.36 11.51 9.07
CA LEU A 300 -5.06 10.91 7.78
C LEU A 300 -3.82 11.62 7.23
N ILE A 301 -2.75 10.89 6.93
CA ILE A 301 -1.53 11.49 6.39
C ILE A 301 -1.15 10.68 5.14
N SER A 302 -0.84 11.37 4.08
CA SER A 302 -0.58 10.75 2.79
C SER A 302 0.77 11.06 2.19
N ILE A 303 1.24 10.07 1.40
CA ILE A 303 2.49 10.22 0.64
C ILE A 303 2.14 10.66 -0.79
N PRO A 304 2.73 11.72 -1.32
CA PRO A 304 2.47 12.17 -2.67
C PRO A 304 2.89 11.06 -3.66
N LEU A 305 2.00 10.77 -4.58
CA LEU A 305 2.36 9.69 -5.57
C LEU A 305 1.93 10.17 -6.92
N LYS A 306 2.73 9.94 -7.94
CA LYS A 306 2.33 10.36 -9.30
C LYS A 306 2.01 9.14 -10.12
N TYR A 307 1.09 9.22 -11.08
CA TYR A 307 0.75 8.12 -11.98
C TYR A 307 0.01 7.02 -11.25
N MSE A 308 -0.90 7.46 -10.37
CA MSE A 308 -1.74 6.62 -9.56
C MSE A 308 -2.36 5.50 -10.41
O MSE A 308 -2.79 5.78 -11.52
CB MSE A 308 -2.94 7.46 -9.08
CG MSE A 308 -3.84 6.68 -8.13
SE MSE A 308 -2.98 6.50 -6.42
CE MSE A 308 -2.83 8.33 -5.90
N HIS A 309 -2.47 4.30 -9.86
CA HIS A 309 -3.09 3.19 -10.56
C HIS A 309 -2.49 2.87 -11.93
N THR A 310 -1.18 2.87 -12.09
CA THR A 310 -0.54 2.47 -13.35
C THR A 310 0.62 1.54 -12.88
N PRO A 311 1.30 0.86 -13.76
CA PRO A 311 2.43 0.02 -13.33
C PRO A 311 3.63 0.86 -12.92
N VAL A 312 3.66 2.12 -13.27
CA VAL A 312 4.78 3.03 -12.98
C VAL A 312 4.44 4.17 -12.04
N GLU A 313 3.79 3.82 -10.91
CA GLU A 313 3.53 4.87 -9.90
C GLU A 313 4.89 5.43 -9.49
N MSE A 314 4.94 6.67 -9.06
CA MSE A 314 6.23 7.25 -8.67
C MSE A 314 6.14 7.95 -7.34
O MSE A 314 5.16 8.67 -7.08
CB MSE A 314 6.59 8.32 -9.76
CG MSE A 314 7.91 9.03 -9.39
SE MSE A 314 8.24 10.45 -10.68
CE MSE A 314 8.76 9.40 -12.19
N VAL A 315 7.06 7.66 -6.43
CA VAL A 315 7.07 8.33 -5.13
C VAL A 315 8.51 8.86 -4.89
N ASP A 316 8.60 9.82 -3.97
CA ASP A 316 9.90 10.35 -3.57
C ASP A 316 10.27 9.72 -2.25
N PRO A 317 11.34 8.94 -2.13
CA PRO A 317 11.74 8.30 -0.89
C PRO A 317 11.96 9.27 0.25
N ARG A 318 12.27 10.56 -0.06
CA ARG A 318 12.42 11.51 1.05
C ARG A 318 11.09 11.81 1.72
N ASP A 319 9.96 11.83 0.99
CA ASP A 319 8.68 12.05 1.62
C ASP A 319 8.37 10.89 2.57
N VAL A 320 8.74 9.68 2.09
CA VAL A 320 8.54 8.48 2.91
C VAL A 320 9.31 8.54 4.21
N GLU A 321 10.62 8.88 4.10
CA GLU A 321 11.44 8.96 5.32
C GLU A 321 10.99 10.08 6.24
N GLU A 322 10.69 11.27 5.68
CA GLU A 322 10.24 12.38 6.54
C GLU A 322 8.94 12.05 7.23
N LEU A 323 8.01 11.34 6.56
CA LEU A 323 6.78 10.94 7.26
C LEU A 323 7.13 10.02 8.42
N ALA A 324 8.00 9.00 8.15
CA ALA A 324 8.34 8.09 9.25
C ALA A 324 9.04 8.87 10.40
N ARG A 325 9.89 9.82 10.06
CA ARG A 325 10.57 10.63 11.10
C ARG A 325 9.53 11.35 11.92
N LEU A 326 8.54 12.00 11.26
CA LEU A 326 7.48 12.68 11.99
C LEU A 326 6.69 11.73 12.85
N LEU A 327 6.31 10.54 12.34
CA LEU A 327 5.51 9.60 13.13
C LEU A 327 6.30 9.10 14.37
N SER A 328 7.58 8.87 14.20
CA SER A 328 8.42 8.48 15.34
C SER A 328 8.40 9.65 16.36
N LEU A 329 8.49 10.88 15.95
CA LEU A 329 8.45 12.05 16.83
C LEU A 329 7.10 12.20 17.51
N VAL A 330 6.02 11.80 16.84
CA VAL A 330 4.68 11.85 17.45
C VAL A 330 4.67 10.89 18.62
N ALA A 331 5.25 9.68 18.43
CA ALA A 331 5.31 8.73 19.52
C ALA A 331 6.16 9.25 20.67
N VAL A 332 7.08 10.15 20.44
CA VAL A 332 7.93 10.69 21.51
C VAL A 332 7.34 11.91 22.21
N GLU A 333 6.75 12.84 21.44
CA GLU A 333 6.26 14.09 21.99
C GLU A 333 4.77 14.31 22.09
N LEU A 334 3.94 13.49 21.46
CA LEU A 334 2.52 13.72 21.54
C LEU A 334 1.99 13.78 22.98
N GLU A 335 1.22 14.80 23.20
CA GLU A 335 0.48 15.16 24.39
C GLU A 335 1.32 15.50 25.60
AS CAC B . 0.94 -16.58 -21.29
O1 CAC B . 0.66 -15.64 -22.87
C1 CAC B . 2.87 -16.66 -21.16
C2 CAC B . 0.50 -15.27 -19.85
AS CAC C . -6.38 -0.09 7.81
O1 CAC C . -5.52 0.85 6.51
C1 CAC C . -7.64 -1.23 6.76
C2 CAC C . -5.28 -1.30 8.78
S SO4 D . 15.15 15.39 14.80
O1 SO4 D . 16.41 15.82 14.07
O2 SO4 D . 14.33 16.63 14.96
O3 SO4 D . 14.47 14.33 14.01
O4 SO4 D . 15.56 14.87 16.15
S SO4 E . 0.81 -28.13 -18.44
O1 SO4 E . 1.88 -27.10 -18.26
O2 SO4 E . -0.42 -27.70 -17.71
O3 SO4 E . 0.53 -28.26 -19.91
O4 SO4 E . 1.30 -29.44 -17.90
#